data_8U1F
#
_entry.id   8U1F
#
_cell.length_a   62.513
_cell.length_b   88.280
_cell.length_c   129.132
_cell.angle_alpha   90.000
_cell.angle_beta   90.000
_cell.angle_gamma   90.000
#
_symmetry.space_group_name_H-M   'P 21 21 21'
#
loop_
_entity.id
_entity.type
_entity.pdbx_description
1 polymer 'Fibroblast growth factor receptor 2'
2 non-polymer GLYCEROL
3 non-polymer N-[4-(4-amino-7-methyl-5-{4-[(4-methylpyrimidin-2-yl)oxy]phenyl}-7H-pyrrolo[2,3-d]pyrimidin-6-yl)phenyl]-2-methylpropanamide
4 non-polymer 'SULFATE ION'
#
_entity_poly.entity_id   1
_entity_poly.type   'polypeptide(L)'
_entity_poly.pdbx_seq_one_letter_code
;SHMGSPMLAGVSEYELPEDPKWEFPRDKLTLGKPLGEGCFGQVVMAEAVGIDKDKPKEAVTVAVKMLKDDATEKDLSDLV
SEMEMMKMIGKHKNIINLLGACTQDGPLYVIVEYASKGNLREYLRARRPPGMEYSYDINRVPEEQMTFKDLVSCTYQLAR
GMEYLASQKCIHRDLAARNVLVTENNVMKIADFGLARDINNIDYYKKTTNGRLPVKWMAPEALFDRVYTHQSDVWSFGVL
MWEIFTLGGSPYPGIPVEELFKLLKEGHRMDKPANCTNELYMMMRDCWHAVPSQRPTFKQLVEDLDRILTLTTNEE
;
_entity_poly.pdbx_strand_id   A,B
#
# COMPACT_ATOMS: atom_id res chain seq x y z
N LEU A 8 -15.18 7.28 21.94
CA LEU A 8 -14.97 6.64 23.25
C LEU A 8 -13.48 6.58 23.55
N ALA A 9 -12.98 5.41 23.96
CA ALA A 9 -11.57 5.27 24.29
C ALA A 9 -11.20 3.79 24.27
N GLY A 10 -9.90 3.54 24.43
CA GLY A 10 -9.37 2.19 24.47
C GLY A 10 -9.61 1.45 25.77
N VAL A 11 -10.18 2.11 26.78
CA VAL A 11 -10.68 1.39 27.95
C VAL A 11 -12.02 0.73 27.67
N SER A 12 -12.60 0.98 26.50
CA SER A 12 -13.70 0.19 25.95
C SER A 12 -14.93 0.28 26.86
N GLU A 13 -15.59 1.45 26.80
CA GLU A 13 -16.86 1.60 27.49
C GLU A 13 -17.98 0.86 26.76
N TYR A 14 -17.90 0.77 25.42
CA TYR A 14 -18.90 0.02 24.65
C TYR A 14 -18.26 -0.60 23.40
N GLU A 15 -17.07 -1.17 23.55
CA GLU A 15 -16.39 -1.89 22.48
C GLU A 15 -16.48 -3.39 22.76
N LEU A 16 -16.15 -4.19 21.75
CA LEU A 16 -16.39 -5.64 21.78
C LEU A 16 -15.09 -6.42 21.95
N PRO A 17 -14.69 -6.75 23.18
CA PRO A 17 -13.53 -7.63 23.37
C PRO A 17 -13.91 -9.09 23.55
N GLU A 18 -12.93 -9.93 23.87
CA GLU A 18 -13.17 -11.33 24.23
C GLU A 18 -12.18 -11.68 25.34
N ASP A 19 -12.12 -12.96 25.71
CA ASP A 19 -11.32 -13.40 26.85
C ASP A 19 -10.66 -14.74 26.56
N PRO A 20 -9.46 -14.73 25.97
CA PRO A 20 -8.70 -15.98 25.79
C PRO A 20 -7.86 -16.37 27.00
N LYS A 21 -7.14 -17.48 26.88
CA LYS A 21 -6.20 -17.90 27.90
C LYS A 21 -4.95 -17.02 27.93
N TRP A 22 -4.57 -16.45 26.79
CA TRP A 22 -3.34 -15.66 26.71
C TRP A 22 -3.27 -14.55 27.74
N GLU A 23 -4.40 -14.19 28.35
CA GLU A 23 -4.42 -13.04 29.25
C GLU A 23 -3.36 -13.18 30.33
N PHE A 24 -2.80 -12.03 30.74
CA PHE A 24 -1.80 -11.94 31.79
C PHE A 24 -2.28 -10.95 32.83
N PRO A 25 -2.14 -11.24 34.12
CA PRO A 25 -2.58 -10.28 35.16
C PRO A 25 -1.86 -8.95 35.01
N ARG A 26 -2.65 -7.89 34.82
CA ARG A 26 -2.07 -6.55 34.73
C ARG A 26 -1.51 -6.07 36.06
N ASP A 27 -1.77 -6.79 37.15
CA ASP A 27 -1.30 -6.40 38.47
C ASP A 27 0.18 -6.70 38.67
N LYS A 28 0.83 -7.37 37.71
CA LYS A 28 2.24 -7.70 37.79
C LYS A 28 3.06 -7.01 36.71
N LEU A 29 2.42 -6.18 35.89
CA LEU A 29 3.08 -5.49 34.79
C LEU A 29 3.51 -4.09 35.22
N THR A 30 4.73 -3.70 34.85
CA THR A 30 5.24 -2.38 35.14
C THR A 30 5.89 -1.84 33.86
N LEU A 31 5.42 -0.68 33.40
CA LEU A 31 5.87 -0.11 32.14
C LEU A 31 7.00 0.88 32.37
N GLY A 32 7.87 1.01 31.37
CA GLY A 32 9.07 1.80 31.51
C GLY A 32 9.38 2.74 30.35
N LYS A 33 10.60 2.64 29.81
CA LYS A 33 11.10 3.61 28.83
C LYS A 33 10.68 3.21 27.42
N PRO A 34 10.16 4.15 26.63
CA PRO A 34 9.90 3.86 25.22
C PRO A 34 11.10 3.23 24.53
N LEU A 35 10.84 2.16 23.78
CA LEU A 35 11.88 1.42 23.09
C LEU A 35 11.66 1.51 21.58
N GLY A 36 12.66 1.98 20.86
CA GLY A 36 12.59 2.10 19.42
C GLY A 36 11.60 3.14 18.96
N GLU A 37 11.94 3.89 17.91
CA GLU A 37 10.98 4.80 17.32
C GLU A 37 9.78 3.99 16.82
N GLY A 38 8.59 4.33 17.32
CA GLY A 38 7.45 3.47 17.15
C GLY A 38 6.78 3.51 15.79
N CYS A 39 7.43 2.91 14.78
CA CYS A 39 6.77 2.72 13.50
C CYS A 39 5.74 1.62 13.58
N PHE A 40 6.06 0.56 14.33
CA PHE A 40 5.13 -0.54 14.53
C PHE A 40 4.03 -0.18 15.54
N GLY A 41 4.23 0.85 16.32
CA GLY A 41 3.27 1.25 17.32
C GLY A 41 3.99 1.81 18.53
N GLN A 42 3.22 2.07 19.58
CA GLN A 42 3.76 2.60 20.83
C GLN A 42 4.29 1.43 21.66
N VAL A 43 5.57 1.14 21.51
CA VAL A 43 6.23 0.11 22.29
C VAL A 43 6.91 0.75 23.49
N VAL A 44 6.90 0.03 24.61
CA VAL A 44 7.49 0.51 25.87
C VAL A 44 8.12 -0.68 26.57
N MET A 45 9.33 -0.48 27.09
CA MET A 45 9.95 -1.53 27.89
C MET A 45 9.15 -1.74 29.17
N ALA A 46 9.18 -2.97 29.68
CA ALA A 46 8.43 -3.30 30.87
C ALA A 46 9.13 -4.42 31.62
N GLU A 47 8.82 -4.53 32.91
CA GLU A 47 9.39 -5.55 33.79
C GLU A 47 8.21 -6.31 34.39
N ALA A 48 7.72 -7.31 33.68
CA ALA A 48 6.62 -8.13 34.17
C ALA A 48 7.15 -9.17 35.15
N VAL A 49 6.21 -9.87 35.80
CA VAL A 49 6.54 -10.89 36.78
C VAL A 49 5.78 -12.16 36.44
N GLY A 50 6.48 -13.28 36.35
CA GLY A 50 5.86 -14.56 36.15
C GLY A 50 5.16 -14.72 34.81
N ILE A 51 5.83 -14.33 33.74
CA ILE A 51 5.28 -14.56 32.40
C ILE A 51 5.62 -15.96 31.90
N ASP A 52 6.80 -16.48 32.27
CA ASP A 52 7.24 -17.77 31.76
C ASP A 52 6.42 -18.93 32.30
N LYS A 53 5.59 -18.71 33.32
CA LYS A 53 4.71 -19.71 33.90
C LYS A 53 5.45 -20.81 34.64
N ASP A 54 6.76 -20.97 34.41
CA ASP A 54 7.54 -21.96 35.13
C ASP A 54 8.56 -21.36 36.09
N LYS A 55 8.79 -20.05 36.03
CA LYS A 55 9.64 -19.35 37.00
C LYS A 55 8.94 -18.10 37.51
N PRO A 56 7.82 -18.27 38.23
CA PRO A 56 7.13 -17.09 38.78
C PRO A 56 7.99 -16.38 39.81
N LYS A 57 7.56 -15.15 40.15
CA LYS A 57 8.26 -14.29 41.10
C LYS A 57 9.59 -13.78 40.53
N GLU A 58 10.08 -14.41 39.47
CA GLU A 58 11.29 -13.94 38.79
C GLU A 58 10.91 -12.78 37.88
N ALA A 59 11.50 -11.62 38.12
CA ALA A 59 11.26 -10.47 37.26
C ALA A 59 11.80 -10.74 35.86
N VAL A 60 11.00 -10.40 34.85
CA VAL A 60 11.33 -10.69 33.46
C VAL A 60 11.06 -9.45 32.63
N THR A 61 12.03 -9.04 31.82
CA THR A 61 11.86 -7.90 30.94
C THR A 61 11.08 -8.32 29.70
N VAL A 62 10.17 -7.44 29.28
CA VAL A 62 9.32 -7.67 28.12
C VAL A 62 9.06 -6.33 27.45
N ALA A 63 8.39 -6.35 26.30
CA ALA A 63 8.03 -5.14 25.59
C ALA A 63 6.52 -5.10 25.43
N VAL A 64 5.92 -3.95 25.76
CA VAL A 64 4.47 -3.79 25.76
C VAL A 64 4.10 -2.88 24.60
N LYS A 65 3.17 -3.35 23.77
CA LYS A 65 2.60 -2.59 22.68
C LYS A 65 1.27 -2.00 23.17
N MET A 66 1.20 -0.67 23.20
CA MET A 66 0.05 0.07 23.69
C MET A 66 -0.40 1.04 22.60
N LEU A 67 -1.53 1.69 22.86
CA LEU A 67 -2.10 2.64 21.91
C LEU A 67 -1.50 4.01 22.10
N LYS A 68 -1.28 4.71 20.99
CA LYS A 68 -0.77 6.07 21.02
C LYS A 68 -1.82 7.02 21.60
N ASP A 69 -1.36 8.18 22.06
CA ASP A 69 -2.24 9.09 22.79
C ASP A 69 -3.45 9.51 21.95
N ASP A 70 -3.23 9.82 20.67
CA ASP A 70 -4.32 10.20 19.78
C ASP A 70 -4.74 9.06 18.87
N ALA A 71 -4.76 7.85 19.41
CA ALA A 71 -5.19 6.69 18.63
C ALA A 71 -6.68 6.77 18.35
N THR A 72 -7.07 6.30 17.16
CA THR A 72 -8.46 6.24 16.78
C THR A 72 -8.97 4.81 16.89
N GLU A 73 -10.25 4.61 16.60
CA GLU A 73 -10.85 3.28 16.71
C GLU A 73 -10.12 2.29 15.82
N LYS A 74 -9.77 2.71 14.60
CA LYS A 74 -9.12 1.78 13.68
C LYS A 74 -7.75 1.37 14.19
N ASP A 75 -7.06 2.24 14.93
CA ASP A 75 -5.79 1.86 15.52
C ASP A 75 -5.98 0.77 16.56
N LEU A 76 -7.03 0.88 17.39
CA LEU A 76 -7.31 -0.19 18.34
C LEU A 76 -7.65 -1.49 17.64
N SER A 77 -8.47 -1.41 16.57
CA SER A 77 -8.82 -2.62 15.84
C SER A 77 -7.58 -3.27 15.22
N ASP A 78 -6.67 -2.44 14.67
CA ASP A 78 -5.43 -2.97 14.11
C ASP A 78 -4.59 -3.62 15.19
N LEU A 79 -4.54 -3.02 16.38
CA LEU A 79 -3.76 -3.61 17.47
C LEU A 79 -4.34 -4.96 17.89
N VAL A 80 -5.66 -5.05 18.01
CA VAL A 80 -6.27 -6.32 18.43
C VAL A 80 -6.09 -7.39 17.36
N SER A 81 -6.25 -7.01 16.09
CA SER A 81 -6.05 -7.97 15.00
C SER A 81 -4.60 -8.43 14.93
N GLU A 82 -3.67 -7.51 15.19
CA GLU A 82 -2.25 -7.89 15.25
C GLU A 82 -1.99 -8.86 16.39
N MET A 83 -2.65 -8.63 17.54
CA MET A 83 -2.54 -9.58 18.65
C MET A 83 -3.04 -10.96 18.24
N GLU A 84 -4.22 -11.02 17.62
CA GLU A 84 -4.77 -12.30 17.21
C GLU A 84 -3.88 -12.97 16.16
N MET A 85 -3.30 -12.18 15.25
CA MET A 85 -2.39 -12.73 14.27
C MET A 85 -1.17 -13.33 14.94
N MET A 86 -0.61 -12.64 15.93
CA MET A 86 0.55 -13.18 16.63
C MET A 86 0.18 -14.44 17.40
N LYS A 87 -1.03 -14.51 17.93
CA LYS A 87 -1.50 -15.75 18.56
C LYS A 87 -1.49 -16.90 17.55
N MET A 88 -2.15 -16.69 16.40
CA MET A 88 -2.33 -17.77 15.44
C MET A 88 -1.05 -18.13 14.70
N ILE A 89 -0.07 -17.22 14.67
CA ILE A 89 1.15 -17.46 13.88
C ILE A 89 1.89 -18.68 14.41
N GLY A 90 2.06 -18.76 15.71
CA GLY A 90 2.81 -19.84 16.33
C GLY A 90 4.13 -19.33 16.89
N LYS A 91 4.92 -20.28 17.38
CA LYS A 91 6.18 -19.99 18.03
C LYS A 91 7.34 -20.36 17.12
N HIS A 92 8.40 -19.55 17.18
CA HIS A 92 9.63 -19.84 16.44
C HIS A 92 10.77 -19.11 17.14
N LYS A 93 11.95 -19.71 17.12
CA LYS A 93 13.06 -19.19 17.91
C LYS A 93 13.61 -17.89 17.33
N ASN A 94 13.42 -17.66 16.05
CA ASN A 94 13.98 -16.50 15.35
C ASN A 94 12.93 -15.44 15.07
N ILE A 95 12.10 -15.12 16.06
CA ILE A 95 11.01 -14.18 15.88
C ILE A 95 10.66 -13.57 17.23
N ILE A 96 10.22 -12.32 17.22
CA ILE A 96 9.68 -11.67 18.41
C ILE A 96 8.31 -12.28 18.68
N ASN A 97 8.25 -13.19 19.65
CA ASN A 97 7.06 -14.00 19.86
C ASN A 97 6.12 -13.33 20.84
N LEU A 98 4.82 -13.57 20.64
CA LEU A 98 3.81 -13.14 21.60
C LEU A 98 3.83 -14.06 22.80
N LEU A 99 3.76 -13.47 24.00
CA LEU A 99 3.72 -14.24 25.22
C LEU A 99 2.67 -13.77 26.22
N GLY A 100 1.92 -12.71 25.93
CA GLY A 100 0.82 -12.38 26.81
C GLY A 100 0.10 -11.13 26.35
N ALA A 101 -0.99 -10.83 27.05
CA ALA A 101 -1.79 -9.65 26.73
C ALA A 101 -2.67 -9.31 27.93
N CYS A 102 -2.99 -8.03 28.05
CA CYS A 102 -3.92 -7.50 29.03
C CYS A 102 -5.04 -6.80 28.27
N THR A 103 -6.21 -7.41 28.25
CA THR A 103 -7.33 -6.94 27.46
C THR A 103 -8.59 -6.68 28.27
N GLN A 104 -8.66 -7.14 29.52
CA GLN A 104 -9.87 -7.07 30.32
C GLN A 104 -9.72 -6.05 31.45
N ASP A 105 -10.78 -5.29 31.67
CA ASP A 105 -10.86 -4.37 32.81
C ASP A 105 -9.73 -3.35 32.81
N GLY A 106 -9.49 -2.77 31.64
CA GLY A 106 -8.45 -1.77 31.51
C GLY A 106 -7.95 -1.61 30.09
N PRO A 107 -6.87 -0.85 29.92
CA PRO A 107 -6.34 -0.60 28.58
C PRO A 107 -5.77 -1.86 27.95
N LEU A 108 -5.56 -1.78 26.64
CA LEU A 108 -5.02 -2.89 25.88
C LEU A 108 -3.50 -2.84 25.89
N TYR A 109 -2.88 -3.93 26.35
CA TYR A 109 -1.42 -4.04 26.39
C TYR A 109 -1.03 -5.39 25.79
N VAL A 110 -0.19 -5.38 24.76
CA VAL A 110 0.28 -6.61 24.14
C VAL A 110 1.71 -6.86 24.60
N ILE A 111 1.93 -7.92 25.38
CA ILE A 111 3.22 -8.18 26.00
C ILE A 111 3.95 -9.21 25.15
N VAL A 112 5.10 -8.80 24.60
CA VAL A 112 5.89 -9.61 23.69
C VAL A 112 7.33 -9.69 24.21
N GLU A 113 8.10 -10.53 23.54
CA GLU A 113 9.47 -10.84 23.95
C GLU A 113 10.37 -9.61 23.83
N TYR A 114 11.33 -9.52 24.74
CA TYR A 114 12.25 -8.39 24.82
C TYR A 114 13.67 -8.88 24.56
N ALA A 115 14.40 -8.15 23.72
CA ALA A 115 15.79 -8.46 23.40
C ALA A 115 16.69 -7.49 24.13
N SER A 116 17.62 -8.02 24.94
CA SER A 116 18.45 -7.17 25.77
C SER A 116 19.33 -6.25 24.92
N LYS A 117 19.90 -6.79 23.85
CA LYS A 117 20.79 -6.02 22.99
C LYS A 117 19.98 -5.37 21.87
N GLY A 118 20.39 -4.16 21.48
CA GLY A 118 19.65 -3.36 20.53
C GLY A 118 19.37 -4.02 19.20
N ASN A 119 18.94 -3.23 18.22
CA ASN A 119 18.68 -3.77 16.89
C ASN A 119 19.98 -4.27 16.26
N LEU A 120 19.83 -4.95 15.13
CA LEU A 120 20.97 -5.58 14.48
C LEU A 120 21.98 -4.54 14.01
N ARG A 121 21.51 -3.44 13.43
CA ARG A 121 22.41 -2.43 12.88
C ARG A 121 23.41 -1.97 13.93
N GLU A 122 22.91 -1.45 15.06
CA GLU A 122 23.80 -0.92 16.09
C GLU A 122 24.61 -2.03 16.75
N TYR A 123 24.06 -3.23 16.87
CA TYR A 123 24.81 -4.36 17.39
C TYR A 123 26.08 -4.59 16.57
N LEU A 124 25.91 -4.81 15.26
CA LEU A 124 27.06 -5.01 14.39
C LEU A 124 27.99 -3.80 14.40
N ARG A 125 27.43 -2.59 14.33
CA ARG A 125 28.28 -1.40 14.30
C ARG A 125 29.14 -1.30 15.56
N ALA A 126 28.57 -1.66 16.72
CA ALA A 126 29.31 -1.62 17.96
C ALA A 126 30.22 -2.82 18.14
N ARG A 127 30.14 -3.82 17.27
CA ARG A 127 31.05 -4.95 17.30
C ARG A 127 31.89 -5.02 16.03
N ARG A 128 32.35 -3.84 15.53
CA ARG A 128 33.27 -3.78 14.40
C ARG A 128 34.72 -3.76 14.90
N PRO A 129 35.66 -4.25 14.09
CA PRO A 129 37.07 -3.99 14.38
C PRO A 129 37.48 -2.62 13.87
N PRO A 130 37.63 -1.63 14.76
CA PRO A 130 37.89 -0.27 14.24
C PRO A 130 39.31 -0.11 13.69
N GLU A 143 36.55 -6.12 23.25
CA GLU A 143 35.09 -6.23 23.26
C GLU A 143 34.70 -7.61 22.72
N GLU A 144 33.67 -7.67 21.88
CA GLU A 144 33.22 -8.90 21.24
C GLU A 144 33.25 -8.66 19.73
N GLN A 145 34.40 -8.95 19.11
CA GLN A 145 34.52 -8.78 17.67
C GLN A 145 33.69 -9.84 16.95
N MET A 146 33.02 -9.42 15.87
CA MET A 146 32.24 -10.32 15.05
C MET A 146 33.14 -10.91 13.97
N THR A 147 33.33 -12.23 14.01
CA THR A 147 34.09 -12.91 12.98
C THR A 147 33.14 -13.49 11.94
N PHE A 148 33.72 -13.89 10.80
CA PHE A 148 32.93 -14.35 9.67
C PHE A 148 31.91 -15.40 10.10
N LYS A 149 32.33 -16.35 10.95
CA LYS A 149 31.41 -17.40 11.36
C LYS A 149 30.20 -16.83 12.11
N ASP A 150 30.41 -15.82 12.96
CA ASP A 150 29.28 -15.23 13.66
C ASP A 150 28.30 -14.61 12.67
N LEU A 151 28.82 -13.94 11.64
CA LEU A 151 27.94 -13.35 10.64
C LEU A 151 27.15 -14.41 9.89
N VAL A 152 27.79 -15.51 9.51
CA VAL A 152 27.07 -16.57 8.80
C VAL A 152 26.01 -17.17 9.70
N SER A 153 26.33 -17.42 10.98
CA SER A 153 25.34 -17.98 11.88
C SER A 153 24.16 -17.05 12.05
N CYS A 154 24.42 -15.76 12.22
CA CYS A 154 23.34 -14.78 12.32
C CYS A 154 22.45 -14.84 11.09
N THR A 155 23.06 -14.77 9.90
CA THR A 155 22.30 -14.77 8.66
C THR A 155 21.44 -16.03 8.55
N TYR A 156 22.02 -17.19 8.85
CA TYR A 156 21.25 -18.43 8.81
C TYR A 156 20.09 -18.39 9.79
N GLN A 157 20.33 -17.87 10.99
CA GLN A 157 19.27 -17.75 11.98
C GLN A 157 18.06 -17.00 11.41
N LEU A 158 18.29 -15.76 10.99
CA LEU A 158 17.11 -15.00 10.56
C LEU A 158 16.58 -15.48 9.21
N ALA A 159 17.38 -16.21 8.42
CA ALA A 159 16.83 -16.81 7.21
C ALA A 159 15.86 -17.93 7.55
N ARG A 160 16.21 -18.77 8.52
CA ARG A 160 15.30 -19.80 9.02
C ARG A 160 14.02 -19.16 9.55
N GLY A 161 14.16 -18.07 10.30
CA GLY A 161 12.99 -17.34 10.74
C GLY A 161 12.15 -16.81 9.59
N MET A 162 12.81 -16.29 8.55
CA MET A 162 12.10 -15.80 7.37
C MET A 162 11.30 -16.90 6.71
N GLU A 163 11.88 -18.09 6.60
CA GLU A 163 11.13 -19.21 6.04
C GLU A 163 9.89 -19.50 6.85
N TYR A 164 10.04 -19.61 8.18
CA TYR A 164 8.87 -19.86 9.00
C TYR A 164 7.79 -18.81 8.77
N LEU A 165 8.19 -17.53 8.77
CA LEU A 165 7.23 -16.46 8.55
C LEU A 165 6.61 -16.55 7.16
N ALA A 166 7.34 -17.10 6.19
CA ALA A 166 6.79 -17.29 4.86
C ALA A 166 5.70 -18.36 4.85
N SER A 167 5.86 -19.39 5.69
CA SER A 167 4.84 -20.44 5.75
C SER A 167 3.48 -19.86 6.14
N GLN A 168 3.47 -18.90 7.08
CA GLN A 168 2.24 -18.32 7.60
C GLN A 168 1.73 -17.15 6.77
N LYS A 169 2.06 -17.11 5.48
CA LYS A 169 1.59 -16.06 4.57
C LYS A 169 1.73 -14.67 5.22
N CYS A 170 2.93 -14.38 5.70
CA CYS A 170 3.24 -13.09 6.30
C CYS A 170 4.11 -12.27 5.35
N ILE A 171 3.86 -10.97 5.30
CA ILE A 171 4.61 -10.02 4.49
C ILE A 171 5.16 -8.96 5.42
N HIS A 172 6.45 -8.65 5.25
CA HIS A 172 7.15 -7.77 6.17
C HIS A 172 6.96 -6.31 5.80
N ARG A 173 6.68 -5.49 6.81
CA ARG A 173 6.46 -4.06 6.58
C ARG A 173 7.76 -3.36 6.19
N ASP A 174 8.84 -3.61 6.95
CA ASP A 174 10.13 -2.98 6.69
C ASP A 174 11.20 -3.88 7.28
N LEU A 175 11.80 -4.72 6.44
CA LEU A 175 12.79 -5.70 6.85
C LEU A 175 14.18 -5.11 6.66
N ALA A 176 14.89 -4.92 7.76
CA ALA A 176 16.25 -4.39 7.70
C ALA A 176 16.90 -4.59 9.06
N ALA A 177 18.14 -4.10 9.19
CA ALA A 177 18.91 -4.36 10.39
C ALA A 177 18.32 -3.64 11.59
N ARG A 178 17.80 -2.43 11.41
CA ARG A 178 17.29 -1.69 12.55
C ARG A 178 15.97 -2.26 13.07
N ASN A 179 15.34 -3.17 12.33
CA ASN A 179 14.11 -3.82 12.76
C ASN A 179 14.32 -5.29 13.09
N VAL A 180 15.56 -5.68 13.38
CA VAL A 180 15.89 -7.03 13.81
C VAL A 180 16.58 -6.92 15.15
N LEU A 181 16.14 -7.73 16.12
CA LEU A 181 16.64 -7.65 17.48
C LEU A 181 17.52 -8.85 17.80
N VAL A 182 18.32 -8.71 18.86
CA VAL A 182 19.23 -9.76 19.32
C VAL A 182 19.16 -9.84 20.83
N THR A 183 18.89 -11.03 21.35
CA THR A 183 18.68 -11.23 22.78
C THR A 183 19.99 -11.46 23.50
N GLU A 184 19.90 -11.75 24.81
CA GLU A 184 21.11 -12.00 25.58
C GLU A 184 21.88 -13.20 25.06
N ASN A 185 21.17 -14.21 24.57
CA ASN A 185 21.80 -15.41 24.03
C ASN A 185 22.28 -15.23 22.60
N ASN A 186 22.34 -13.99 22.10
CA ASN A 186 22.78 -13.71 20.74
C ASN A 186 21.90 -14.42 19.72
N VAL A 187 20.59 -14.41 19.97
CA VAL A 187 19.62 -15.05 19.10
C VAL A 187 18.93 -13.97 18.28
N MET A 188 19.05 -14.07 16.96
CA MET A 188 18.46 -13.09 16.08
C MET A 188 16.96 -13.31 15.97
N LYS A 189 16.19 -12.26 16.25
CA LYS A 189 14.73 -12.32 16.20
C LYS A 189 14.20 -11.25 15.27
N ILE A 190 13.22 -11.64 14.46
CA ILE A 190 12.63 -10.79 13.44
C ILE A 190 11.38 -10.14 14.00
N ALA A 191 11.20 -8.87 13.68
CA ALA A 191 9.99 -8.12 14.04
C ALA A 191 9.26 -7.72 12.76
N ASP A 192 8.29 -6.83 12.90
CA ASP A 192 7.65 -6.15 11.76
C ASP A 192 7.02 -7.11 10.77
N PHE A 193 6.72 -8.36 11.14
CA PHE A 193 6.16 -9.27 10.16
C PHE A 193 4.69 -8.98 9.87
N GLY A 194 4.07 -8.07 10.61
CA GLY A 194 2.71 -7.63 10.37
C GLY A 194 1.82 -8.53 9.52
N ARG A 212 9.77 7.42 6.06
CA ARG A 212 8.90 6.29 6.35
C ARG A 212 9.24 5.12 5.42
N LEU A 213 9.01 5.30 4.13
CA LEU A 213 9.22 4.24 3.17
C LEU A 213 10.69 3.81 3.18
N PRO A 214 10.97 2.49 3.17
CA PRO A 214 12.37 2.03 3.04
C PRO A 214 12.76 1.79 1.59
N VAL A 215 12.69 2.84 0.78
CA VAL A 215 12.94 2.70 -0.66
C VAL A 215 14.31 2.08 -0.91
N LYS A 216 15.30 2.46 -0.11
CA LYS A 216 16.64 1.92 -0.25
C LYS A 216 16.70 0.41 -0.01
N TRP A 217 15.61 -0.20 0.44
CA TRP A 217 15.57 -1.61 0.80
C TRP A 217 14.67 -2.46 -0.07
N MET A 218 13.64 -1.88 -0.67
CA MET A 218 12.64 -2.65 -1.39
C MET A 218 13.07 -2.91 -2.83
N ALA A 219 12.49 -3.96 -3.41
CA ALA A 219 12.83 -4.38 -4.76
C ALA A 219 12.18 -3.46 -5.79
N PRO A 220 12.66 -3.50 -7.04
CA PRO A 220 12.09 -2.60 -8.06
C PRO A 220 10.60 -2.79 -8.27
N GLU A 221 10.12 -4.03 -8.26
CA GLU A 221 8.69 -4.26 -8.45
C GLU A 221 7.88 -3.69 -7.28
N ALA A 222 8.46 -3.71 -6.06
CA ALA A 222 7.79 -3.09 -4.92
C ALA A 222 7.90 -1.57 -4.95
N LEU A 223 8.93 -1.02 -5.61
CA LEU A 223 9.02 0.42 -5.77
C LEU A 223 8.00 0.93 -6.79
N PHE A 224 7.80 0.16 -7.86
CA PHE A 224 7.02 0.57 -9.01
C PHE A 224 5.54 0.23 -8.86
N ASP A 225 5.23 -1.04 -8.57
CA ASP A 225 3.86 -1.47 -8.42
C ASP A 225 3.33 -1.32 -6.99
N ARG A 226 4.22 -1.14 -6.02
CA ARG A 226 3.83 -1.02 -4.61
C ARG A 226 3.07 -2.26 -4.14
N VAL A 227 3.50 -3.43 -4.61
CA VAL A 227 2.98 -4.71 -4.15
C VAL A 227 4.14 -5.50 -3.54
N TYR A 228 3.87 -6.16 -2.42
CA TYR A 228 4.89 -6.85 -1.64
C TYR A 228 4.56 -8.33 -1.63
N THR A 229 5.50 -9.15 -2.08
CA THR A 229 5.35 -10.58 -2.15
C THR A 229 6.56 -11.24 -1.51
N HIS A 230 6.48 -12.57 -1.35
CA HIS A 230 7.60 -13.31 -0.78
C HIS A 230 8.87 -13.11 -1.60
N GLN A 231 8.73 -12.87 -2.91
CA GLN A 231 9.90 -12.60 -3.74
C GLN A 231 10.49 -11.23 -3.44
N SER A 232 9.65 -10.22 -3.29
CA SER A 232 10.13 -8.92 -2.83
C SER A 232 10.80 -9.06 -1.47
N ASP A 233 10.26 -9.93 -0.62
CA ASP A 233 10.90 -10.17 0.67
C ASP A 233 12.23 -10.89 0.50
N VAL A 234 12.40 -11.68 -0.57
CA VAL A 234 13.69 -12.29 -0.85
C VAL A 234 14.71 -11.22 -1.22
N TRP A 235 14.31 -10.28 -2.06
CA TRP A 235 15.18 -9.14 -2.37
C TRP A 235 15.54 -8.38 -1.10
N SER A 236 14.54 -8.14 -0.24
CA SER A 236 14.80 -7.43 1.01
C SER A 236 15.76 -8.21 1.88
N PHE A 237 15.66 -9.54 1.89
CA PHE A 237 16.60 -10.35 2.66
C PHE A 237 18.00 -10.28 2.07
N GLY A 238 18.11 -10.17 0.74
CA GLY A 238 19.42 -9.95 0.15
C GLY A 238 20.05 -8.67 0.65
N VAL A 239 19.28 -7.58 0.66
CA VAL A 239 19.79 -6.33 1.20
C VAL A 239 20.14 -6.49 2.67
N LEU A 240 19.37 -7.30 3.39
CA LEU A 240 19.66 -7.54 4.80
C LEU A 240 21.00 -8.24 4.97
N MET A 241 21.25 -9.29 4.18
CA MET A 241 22.55 -9.97 4.25
C MET A 241 23.68 -8.99 3.95
N TRP A 242 23.51 -8.16 2.91
CA TRP A 242 24.52 -7.15 2.64
C TRP A 242 24.78 -6.29 3.87
N GLU A 243 23.70 -5.84 4.52
CA GLU A 243 23.86 -5.02 5.71
C GLU A 243 24.55 -5.78 6.83
N ILE A 244 24.38 -7.10 6.88
CA ILE A 244 25.03 -7.89 7.94
C ILE A 244 26.52 -7.99 7.68
N PHE A 245 26.91 -8.37 6.47
CA PHE A 245 28.31 -8.62 6.17
C PHE A 245 29.14 -7.35 6.04
N THR A 246 28.49 -6.20 5.87
CA THR A 246 29.16 -4.91 5.98
C THR A 246 29.09 -4.34 7.40
N LEU A 247 28.55 -5.11 8.35
CA LEU A 247 28.49 -4.71 9.75
C LEU A 247 27.78 -3.36 9.90
N GLY A 248 26.51 -3.35 9.50
CA GLY A 248 25.68 -2.16 9.63
C GLY A 248 26.08 -1.05 8.69
N GLY A 249 25.99 -1.31 7.38
CA GLY A 249 26.32 -0.33 6.37
C GLY A 249 25.06 0.19 5.69
N SER A 250 25.10 1.46 5.32
CA SER A 250 23.97 2.09 4.65
C SER A 250 23.89 1.63 3.21
N PRO A 251 22.77 1.09 2.75
CA PRO A 251 22.68 0.62 1.36
C PRO A 251 22.63 1.78 0.36
N TYR A 252 23.20 1.54 -0.81
CA TYR A 252 23.21 2.49 -1.91
C TYR A 252 23.68 3.87 -1.47
N PRO A 253 24.83 3.97 -0.82
CA PRO A 253 25.29 5.27 -0.32
C PRO A 253 25.56 6.24 -1.45
N GLY A 254 25.06 7.47 -1.30
CA GLY A 254 25.30 8.52 -2.26
C GLY A 254 24.38 8.54 -3.46
N ILE A 255 23.58 7.49 -3.66
CA ILE A 255 22.65 7.43 -4.78
C ILE A 255 21.32 8.03 -4.32
N PRO A 256 20.82 9.07 -4.98
CA PRO A 256 19.55 9.68 -4.52
C PRO A 256 18.36 8.80 -4.82
N VAL A 257 17.29 9.03 -4.04
CA VAL A 257 16.08 8.22 -4.19
C VAL A 257 15.47 8.42 -5.58
N GLU A 258 15.41 9.67 -6.04
CA GLU A 258 14.82 9.95 -7.34
C GLU A 258 15.47 9.13 -8.45
N GLU A 259 16.76 8.85 -8.33
CA GLU A 259 17.50 8.08 -9.32
C GLU A 259 17.44 6.59 -9.04
N LEU A 260 17.24 6.20 -7.78
CA LEU A 260 17.43 4.82 -7.36
C LEU A 260 16.75 3.84 -8.30
N PHE A 261 15.44 3.95 -8.44
CA PHE A 261 14.70 2.99 -9.25
C PHE A 261 15.35 2.80 -10.61
N LYS A 262 15.65 3.92 -11.29
CA LYS A 262 16.25 3.82 -12.62
C LYS A 262 17.54 3.00 -12.56
N LEU A 263 18.44 3.36 -11.63
CA LEU A 263 19.68 2.61 -11.51
C LEU A 263 19.42 1.14 -11.26
N LEU A 264 18.38 0.82 -10.48
CA LEU A 264 18.07 -0.59 -10.23
C LEU A 264 17.58 -1.27 -11.50
N LYS A 265 16.80 -0.56 -12.32
CA LYS A 265 16.31 -1.16 -13.55
C LYS A 265 17.43 -1.33 -14.57
N GLU A 266 18.48 -0.50 -14.48
CA GLU A 266 19.65 -0.67 -15.34
C GLU A 266 20.43 -1.93 -15.00
N GLY A 267 20.18 -2.53 -13.82
CA GLY A 267 20.90 -3.70 -13.39
C GLY A 267 22.01 -3.43 -12.39
N HIS A 268 22.07 -2.23 -11.83
CA HIS A 268 23.15 -1.86 -10.91
C HIS A 268 22.80 -2.36 -9.51
N ARG A 269 23.59 -3.31 -9.00
CA ARG A 269 23.42 -3.84 -7.66
C ARG A 269 24.60 -3.44 -6.79
N MET A 270 24.42 -3.57 -5.48
CA MET A 270 25.45 -3.19 -4.55
C MET A 270 26.64 -4.15 -4.63
N ASP A 271 27.82 -3.61 -4.38
CA ASP A 271 29.07 -4.35 -4.54
C ASP A 271 29.31 -5.27 -3.34
N LYS A 272 30.31 -6.14 -3.50
CA LYS A 272 30.56 -7.16 -2.49
C LYS A 272 31.09 -6.52 -1.20
N PRO A 273 30.61 -6.96 -0.04
CA PRO A 273 31.21 -6.48 1.22
C PRO A 273 32.66 -6.89 1.34
N ALA A 274 33.37 -6.20 2.24
CA ALA A 274 34.80 -6.43 2.42
C ALA A 274 35.08 -7.89 2.75
N ASN A 275 34.75 -8.31 3.98
CA ASN A 275 35.02 -9.68 4.42
C ASN A 275 33.83 -10.55 4.03
N CYS A 276 33.81 -10.95 2.77
CA CYS A 276 32.72 -11.77 2.25
C CYS A 276 33.25 -12.64 1.12
N THR A 277 32.60 -13.78 0.91
CA THR A 277 33.01 -14.76 -0.08
C THR A 277 32.21 -14.59 -1.35
N ASN A 278 32.80 -15.00 -2.48
CA ASN A 278 32.13 -14.88 -3.77
C ASN A 278 30.80 -15.62 -3.78
N GLU A 279 30.70 -16.73 -3.04
CA GLU A 279 29.47 -17.51 -3.05
C GLU A 279 28.34 -16.78 -2.32
N LEU A 280 28.65 -16.16 -1.17
CA LEU A 280 27.62 -15.41 -0.45
C LEU A 280 27.20 -14.18 -1.23
N TYR A 281 28.14 -13.53 -1.92
CA TYR A 281 27.78 -12.38 -2.74
C TYR A 281 26.95 -12.81 -3.95
N MET A 282 27.27 -13.96 -4.54
CA MET A 282 26.43 -14.49 -5.61
C MET A 282 25.03 -14.80 -5.09
N MET A 283 24.94 -15.26 -3.85
CA MET A 283 23.64 -15.49 -3.22
C MET A 283 22.86 -14.19 -3.09
N MET A 284 23.53 -13.14 -2.60
CA MET A 284 22.90 -11.83 -2.53
C MET A 284 22.38 -11.40 -3.90
N ARG A 285 23.23 -11.54 -4.92
CA ARG A 285 22.84 -11.09 -6.26
C ARG A 285 21.68 -11.90 -6.81
N ASP A 286 21.62 -13.20 -6.49
CA ASP A 286 20.47 -14.00 -6.89
C ASP A 286 19.21 -13.55 -6.16
N CYS A 287 19.35 -13.13 -4.90
CA CYS A 287 18.22 -12.52 -4.21
C CYS A 287 17.79 -11.23 -4.90
N TRP A 288 18.73 -10.53 -5.54
CA TRP A 288 18.44 -9.29 -6.24
C TRP A 288 18.20 -9.51 -7.74
N HIS A 289 17.83 -10.72 -8.15
CA HIS A 289 17.62 -10.99 -9.56
C HIS A 289 16.53 -10.09 -10.10
N ALA A 290 16.70 -9.64 -11.35
CA ALA A 290 15.80 -8.64 -11.92
C ALA A 290 14.36 -9.14 -11.95
N VAL A 291 14.17 -10.43 -12.21
CA VAL A 291 12.83 -11.02 -12.32
C VAL A 291 12.55 -11.81 -11.05
N PRO A 292 11.37 -11.67 -10.43
CA PRO A 292 11.10 -12.42 -9.20
C PRO A 292 11.11 -13.92 -9.39
N SER A 293 10.88 -14.40 -10.62
CA SER A 293 10.72 -15.84 -10.84
C SER A 293 12.00 -16.60 -10.49
N GLN A 294 13.16 -16.03 -10.79
CA GLN A 294 14.43 -16.72 -10.61
C GLN A 294 15.06 -16.47 -9.24
N ARG A 295 14.43 -15.68 -8.39
CA ARG A 295 14.95 -15.50 -7.04
C ARG A 295 14.78 -16.79 -6.25
N PRO A 296 15.75 -17.14 -5.41
CA PRO A 296 15.65 -18.40 -4.66
C PRO A 296 14.65 -18.29 -3.52
N THR A 297 13.86 -19.35 -3.34
CA THR A 297 12.93 -19.37 -2.22
C THR A 297 13.71 -19.39 -0.90
N PHE A 298 12.99 -19.07 0.18
CA PHE A 298 13.64 -18.98 1.48
C PHE A 298 14.19 -20.33 1.92
N LYS A 299 13.55 -21.41 1.51
CA LYS A 299 14.06 -22.74 1.86
C LYS A 299 15.38 -23.02 1.16
N GLN A 300 15.47 -22.66 -0.12
CA GLN A 300 16.74 -22.76 -0.83
C GLN A 300 17.83 -21.99 -0.09
N LEU A 301 17.50 -20.80 0.40
CA LEU A 301 18.47 -19.99 1.12
C LEU A 301 18.88 -20.65 2.43
N VAL A 302 17.92 -21.20 3.16
CA VAL A 302 18.23 -21.86 4.43
C VAL A 302 19.15 -23.05 4.19
N GLU A 303 18.86 -23.84 3.14
CA GLU A 303 19.71 -24.99 2.84
C GLU A 303 21.13 -24.56 2.48
N ASP A 304 21.25 -23.55 1.61
CA ASP A 304 22.58 -23.08 1.22
C ASP A 304 23.35 -22.54 2.42
N LEU A 305 22.69 -21.77 3.28
CA LEU A 305 23.37 -21.21 4.44
C LEU A 305 23.73 -22.28 5.45
N ASP A 306 22.92 -23.32 5.58
CA ASP A 306 23.29 -24.44 6.44
C ASP A 306 24.53 -25.14 5.91
N ARG A 307 24.59 -25.35 4.59
CA ARG A 307 25.79 -25.98 4.02
C ARG A 307 27.02 -25.11 4.25
N ILE A 308 26.89 -23.79 4.07
CA ILE A 308 28.03 -22.91 4.29
C ILE A 308 28.45 -22.94 5.75
N LEU A 309 27.49 -22.94 6.67
CA LEU A 309 27.80 -22.97 8.08
C LEU A 309 28.42 -24.30 8.49
N THR A 310 28.08 -25.38 7.80
CA THR A 310 28.67 -26.68 8.09
C THR A 310 30.19 -26.63 8.02
N LEU A 311 30.75 -25.70 7.27
CA LEU A 311 32.19 -25.54 7.11
C LEU A 311 32.61 -24.28 7.87
N THR A 312 33.04 -24.49 9.12
CA THR A 312 33.44 -23.36 9.98
C THR A 312 34.92 -23.05 9.82
N PRO B 20 -39.57 10.26 -7.66
CA PRO B 20 -40.35 10.60 -8.86
C PRO B 20 -40.01 9.71 -10.06
N LYS B 21 -39.58 10.29 -11.18
CA LYS B 21 -39.29 9.49 -12.37
C LYS B 21 -38.13 8.53 -12.13
N TRP B 22 -37.16 8.92 -11.31
CA TRP B 22 -36.00 8.08 -11.04
C TRP B 22 -36.28 7.00 -10.00
N GLU B 23 -37.42 7.04 -9.32
CA GLU B 23 -37.70 6.08 -8.27
C GLU B 23 -37.61 4.65 -8.80
N PHE B 24 -37.18 3.73 -7.94
CA PHE B 24 -36.99 2.34 -8.29
C PHE B 24 -37.67 1.44 -7.27
N PRO B 25 -38.29 0.34 -7.71
CA PRO B 25 -38.97 -0.54 -6.74
C PRO B 25 -37.98 -1.24 -5.80
N ARG B 26 -38.37 -1.32 -4.53
CA ARG B 26 -37.52 -1.86 -3.48
C ARG B 26 -37.42 -3.38 -3.50
N ASP B 27 -38.24 -4.05 -4.31
CA ASP B 27 -38.30 -5.50 -4.30
C ASP B 27 -37.22 -6.16 -5.17
N LYS B 28 -36.23 -5.39 -5.63
CA LYS B 28 -35.25 -5.89 -6.59
C LYS B 28 -33.80 -5.79 -6.15
N LEU B 29 -33.50 -5.02 -5.11
CA LEU B 29 -32.12 -4.75 -4.75
C LEU B 29 -31.60 -5.77 -3.74
N THR B 30 -30.27 -5.84 -3.62
CA THR B 30 -29.62 -6.76 -2.70
C THR B 30 -28.39 -6.11 -2.11
N LEU B 31 -27.83 -6.79 -1.11
CA LEU B 31 -26.66 -6.31 -0.36
C LEU B 31 -25.38 -6.85 -1.00
N GLY B 32 -25.14 -8.16 -0.87
CA GLY B 32 -23.95 -8.75 -1.47
C GLY B 32 -22.67 -8.14 -0.94
N LYS B 33 -21.70 -7.87 -1.88
CA LYS B 33 -20.35 -7.44 -1.53
C LYS B 33 -20.28 -5.91 -1.42
N PRO B 34 -19.44 -5.39 -0.52
CA PRO B 34 -19.21 -3.94 -0.51
C PRO B 34 -18.76 -3.37 -1.84
N LEU B 35 -17.87 -4.05 -2.56
CA LEU B 35 -17.46 -3.61 -3.89
C LEU B 35 -16.85 -2.21 -3.84
N GLY B 36 -16.02 -1.96 -2.83
CA GLY B 36 -15.35 -0.68 -2.71
C GLY B 36 -14.68 -0.49 -1.37
N GLU B 37 -13.51 0.12 -1.37
CA GLU B 37 -12.71 0.27 -0.15
C GLU B 37 -12.81 1.71 0.37
N GLY B 38 -14.03 2.11 0.75
CA GLY B 38 -14.24 3.44 1.28
C GLY B 38 -14.32 4.51 0.20
N CYS B 39 -14.15 5.75 0.63
CA CYS B 39 -14.22 6.96 -0.20
C CYS B 39 -15.49 7.00 -1.05
N PHE B 40 -15.89 8.20 -1.47
CA PHE B 40 -17.11 8.39 -2.25
C PHE B 40 -18.34 8.05 -1.42
N GLY B 41 -18.46 6.80 -0.99
CA GLY B 41 -19.54 6.45 -0.09
C GLY B 41 -19.43 5.02 0.38
N GLN B 42 -20.57 4.47 0.80
CA GLN B 42 -20.67 3.09 1.22
C GLN B 42 -21.18 2.23 0.06
N VAL B 43 -20.40 2.23 -1.02
CA VAL B 43 -20.78 1.46 -2.20
C VAL B 43 -20.98 0.00 -1.82
N VAL B 44 -21.87 -0.65 -2.55
CA VAL B 44 -22.19 -2.05 -2.32
C VAL B 44 -22.65 -2.68 -3.63
N MET B 45 -22.46 -3.99 -3.75
CA MET B 45 -22.91 -4.72 -4.93
C MET B 45 -24.42 -4.90 -4.89
N ALA B 46 -25.01 -5.08 -6.07
CA ALA B 46 -26.42 -5.42 -6.15
C ALA B 46 -26.71 -5.98 -7.53
N GLU B 47 -27.87 -6.65 -7.65
CA GLU B 47 -28.33 -7.23 -8.91
C GLU B 47 -29.81 -6.86 -9.08
N ALA B 48 -30.07 -5.75 -9.76
CA ALA B 48 -31.44 -5.37 -10.04
C ALA B 48 -31.98 -6.24 -11.18
N VAL B 49 -33.30 -6.23 -11.35
CA VAL B 49 -33.95 -7.04 -12.38
C VAL B 49 -34.80 -6.13 -13.25
N GLY B 50 -34.62 -6.23 -14.56
CA GLY B 50 -35.40 -5.47 -15.51
C GLY B 50 -35.29 -3.96 -15.31
N ILE B 51 -34.06 -3.47 -15.17
CA ILE B 51 -33.87 -2.04 -14.96
C ILE B 51 -33.91 -1.29 -16.29
N ASP B 52 -33.48 -1.91 -17.37
CA ASP B 52 -33.52 -1.28 -18.68
C ASP B 52 -34.93 -1.37 -19.26
N LYS B 53 -35.38 -0.27 -19.89
CA LYS B 53 -36.70 -0.28 -20.51
C LYS B 53 -36.71 -1.17 -21.75
N ASP B 54 -35.57 -1.33 -22.42
CA ASP B 54 -35.53 -2.16 -23.62
C ASP B 54 -35.42 -3.63 -23.27
N LYS B 55 -34.69 -3.97 -22.22
CA LYS B 55 -34.56 -5.36 -21.79
C LYS B 55 -35.71 -5.69 -20.84
N PRO B 56 -36.60 -6.62 -21.20
CA PRO B 56 -37.80 -6.82 -20.38
C PRO B 56 -37.52 -7.19 -18.93
N LYS B 57 -36.76 -8.26 -18.71
CA LYS B 57 -36.57 -8.78 -17.36
C LYS B 57 -35.14 -9.17 -17.03
N GLU B 58 -34.23 -9.24 -18.01
CA GLU B 58 -32.89 -9.74 -17.73
C GLU B 58 -32.22 -8.89 -16.65
N ALA B 59 -31.74 -9.55 -15.60
CA ALA B 59 -31.14 -8.86 -14.48
C ALA B 59 -29.87 -8.12 -14.91
N VAL B 60 -29.63 -6.98 -14.27
CA VAL B 60 -28.46 -6.15 -14.50
C VAL B 60 -27.78 -5.93 -13.16
N THR B 61 -26.47 -6.17 -13.11
CA THR B 61 -25.71 -5.92 -11.90
C THR B 61 -25.44 -4.42 -11.79
N VAL B 62 -25.59 -3.89 -10.57
CA VAL B 62 -25.51 -2.47 -10.30
C VAL B 62 -24.75 -2.26 -8.99
N ALA B 63 -24.48 -0.98 -8.70
CA ALA B 63 -23.83 -0.57 -7.47
C ALA B 63 -24.77 0.34 -6.71
N VAL B 64 -24.90 0.11 -5.40
CA VAL B 64 -25.79 0.88 -4.53
C VAL B 64 -24.94 1.74 -3.63
N LYS B 65 -25.18 3.04 -3.66
CA LYS B 65 -24.49 4.01 -2.80
C LYS B 65 -25.41 4.28 -1.61
N MET B 66 -25.22 3.52 -0.53
CA MET B 66 -26.10 3.58 0.63
C MET B 66 -25.45 4.38 1.75
N LEU B 67 -26.29 4.84 2.68
CA LEU B 67 -25.84 5.76 3.71
C LEU B 67 -25.17 5.00 4.86
N LYS B 68 -24.19 5.65 5.48
CA LYS B 68 -23.45 5.05 6.58
C LYS B 68 -24.40 4.65 7.71
N ASP B 69 -23.98 3.65 8.48
CA ASP B 69 -24.78 3.23 9.63
C ASP B 69 -24.90 4.37 10.64
N ASP B 70 -23.86 5.19 10.78
CA ASP B 70 -23.89 6.33 11.69
C ASP B 70 -24.49 7.56 10.99
N ALA B 71 -25.72 7.38 10.50
CA ALA B 71 -26.41 8.44 9.78
C ALA B 71 -26.47 9.71 10.61
N THR B 72 -25.74 10.74 10.20
CA THR B 72 -25.70 12.01 10.91
C THR B 72 -26.54 13.04 10.16
N GLU B 73 -26.56 14.27 10.69
CA GLU B 73 -27.40 15.31 10.11
C GLU B 73 -26.88 15.73 8.73
N LYS B 74 -25.57 15.73 8.54
CA LYS B 74 -25.00 16.18 7.27
C LYS B 74 -24.91 15.07 6.23
N ASP B 75 -24.75 13.81 6.63
CA ASP B 75 -24.68 12.74 5.66
C ASP B 75 -26.01 12.55 4.95
N LEU B 76 -27.12 12.63 5.68
CA LEU B 76 -28.43 12.51 5.05
C LEU B 76 -28.63 13.60 4.00
N SER B 77 -28.00 14.76 4.19
CA SER B 77 -28.05 15.79 3.17
C SER B 77 -26.97 15.59 2.11
N ASP B 78 -25.82 15.04 2.49
CA ASP B 78 -24.73 14.88 1.53
C ASP B 78 -25.08 13.85 0.46
N LEU B 79 -25.68 12.73 0.86
CA LEU B 79 -26.05 11.70 -0.12
C LEU B 79 -27.10 12.24 -1.10
N VAL B 80 -28.06 13.00 -0.59
CA VAL B 80 -29.08 13.59 -1.47
C VAL B 80 -28.45 14.65 -2.35
N SER B 81 -27.44 15.37 -1.85
CA SER B 81 -26.72 16.32 -2.69
C SER B 81 -26.02 15.60 -3.84
N GLU B 82 -25.42 14.44 -3.56
CA GLU B 82 -24.81 13.64 -4.62
C GLU B 82 -25.87 13.17 -5.61
N MET B 83 -27.06 12.78 -5.11
CA MET B 83 -28.14 12.38 -6.00
C MET B 83 -28.52 13.51 -6.97
N GLU B 84 -28.81 14.69 -6.42
CA GLU B 84 -29.12 15.84 -7.27
C GLU B 84 -27.96 16.16 -8.20
N MET B 85 -26.72 15.95 -7.73
CA MET B 85 -25.56 16.14 -8.59
C MET B 85 -25.65 15.26 -9.83
N MET B 86 -25.85 13.96 -9.63
CA MET B 86 -25.93 13.05 -10.77
C MET B 86 -27.13 13.37 -11.65
N LYS B 87 -28.24 13.83 -11.06
CA LYS B 87 -29.40 14.20 -11.86
C LYS B 87 -29.07 15.36 -12.80
N MET B 88 -28.44 16.42 -12.26
CA MET B 88 -28.16 17.58 -13.09
C MET B 88 -27.03 17.30 -14.10
N ILE B 89 -26.02 16.54 -13.70
CA ILE B 89 -24.83 16.38 -14.54
C ILE B 89 -25.22 15.80 -15.90
N GLY B 90 -26.10 14.82 -15.92
CA GLY B 90 -26.53 14.20 -17.15
C GLY B 90 -25.85 12.86 -17.38
N LYS B 91 -25.98 12.39 -18.62
CA LYS B 91 -25.43 11.10 -19.03
C LYS B 91 -24.21 11.31 -19.90
N HIS B 92 -23.21 10.45 -19.72
CA HIS B 92 -22.03 10.45 -20.59
C HIS B 92 -21.42 9.06 -20.58
N LYS B 93 -20.92 8.65 -21.75
CA LYS B 93 -20.47 7.27 -21.90
C LYS B 93 -19.32 6.95 -20.95
N ASN B 94 -18.41 7.91 -20.75
CA ASN B 94 -17.21 7.70 -19.94
C ASN B 94 -17.39 8.22 -18.53
N ILE B 95 -18.59 8.06 -17.97
CA ILE B 95 -18.90 8.51 -16.62
C ILE B 95 -19.71 7.42 -15.93
N ILE B 96 -19.45 7.21 -14.65
CA ILE B 96 -20.27 6.31 -13.84
C ILE B 96 -21.59 7.01 -13.60
N ASN B 97 -22.63 6.59 -14.32
CA ASN B 97 -23.88 7.33 -14.40
C ASN B 97 -24.91 6.76 -13.43
N LEU B 98 -25.71 7.66 -12.85
CA LEU B 98 -26.86 7.25 -12.06
C LEU B 98 -27.95 6.71 -12.97
N LEU B 99 -28.59 5.62 -12.57
CA LEU B 99 -29.64 5.04 -13.40
C LEU B 99 -30.88 4.68 -12.61
N GLY B 100 -30.96 5.06 -11.35
CA GLY B 100 -32.13 4.80 -10.53
C GLY B 100 -31.80 4.97 -9.07
N ALA B 101 -32.84 4.89 -8.25
CA ALA B 101 -32.63 5.02 -6.82
C ALA B 101 -33.91 4.64 -6.08
N CYS B 102 -33.74 4.35 -4.80
CA CYS B 102 -34.83 4.02 -3.89
C CYS B 102 -34.78 5.05 -2.76
N THR B 103 -35.70 6.01 -2.80
CA THR B 103 -35.63 7.19 -1.94
C THR B 103 -36.75 7.24 -0.92
N GLN B 104 -38.00 7.23 -1.40
CA GLN B 104 -39.16 7.50 -0.55
C GLN B 104 -39.75 6.21 -0.02
N ASP B 105 -40.16 6.22 1.25
CA ASP B 105 -40.79 5.07 1.90
C ASP B 105 -39.79 3.93 2.09
N GLY B 106 -38.63 4.25 2.65
CA GLY B 106 -37.60 3.27 2.92
C GLY B 106 -36.23 3.89 3.04
N PRO B 107 -35.20 3.06 3.16
CA PRO B 107 -33.83 3.59 3.22
C PRO B 107 -33.36 4.04 1.85
N LEU B 108 -32.37 4.93 1.87
CA LEU B 108 -31.89 5.55 0.64
C LEU B 108 -30.88 4.63 -0.05
N TYR B 109 -31.28 4.08 -1.20
CA TYR B 109 -30.41 3.26 -2.03
C TYR B 109 -30.25 3.97 -3.38
N VAL B 110 -29.02 4.36 -3.71
CA VAL B 110 -28.72 5.08 -4.93
C VAL B 110 -28.10 4.10 -5.92
N ILE B 111 -28.80 3.85 -7.03
CA ILE B 111 -28.40 2.83 -8.00
C ILE B 111 -27.59 3.50 -9.11
N VAL B 112 -26.33 3.09 -9.23
CA VAL B 112 -25.38 3.66 -10.16
C VAL B 112 -24.77 2.54 -10.98
N GLU B 113 -24.22 2.90 -12.14
CA GLU B 113 -23.67 1.93 -13.07
C GLU B 113 -22.65 1.01 -12.41
N TYR B 114 -22.43 -0.17 -13.01
CA TYR B 114 -21.53 -1.17 -12.47
C TYR B 114 -20.47 -1.51 -13.50
N ALA B 115 -19.22 -1.63 -13.04
CA ALA B 115 -18.09 -1.96 -13.89
C ALA B 115 -17.72 -3.42 -13.66
N SER B 116 -17.78 -4.21 -14.73
CA SER B 116 -17.57 -5.65 -14.60
C SER B 116 -16.09 -5.99 -14.40
N LYS B 117 -15.20 -5.24 -15.06
CA LYS B 117 -13.79 -5.61 -15.12
C LYS B 117 -12.94 -4.95 -14.05
N GLY B 118 -13.53 -4.17 -13.14
CA GLY B 118 -12.79 -3.61 -12.03
C GLY B 118 -12.21 -2.23 -12.31
N ASN B 119 -11.35 -1.81 -11.40
CA ASN B 119 -10.70 -0.51 -11.52
C ASN B 119 -9.67 -0.52 -12.65
N LEU B 120 -9.20 0.68 -13.00
CA LEU B 120 -8.24 0.82 -14.09
C LEU B 120 -6.90 0.20 -13.71
N ARG B 121 -6.39 0.55 -12.53
CA ARG B 121 -5.06 0.11 -12.12
C ARG B 121 -4.90 -1.39 -12.32
N GLU B 122 -5.77 -2.18 -11.68
CA GLU B 122 -5.68 -3.62 -11.79
C GLU B 122 -6.06 -4.11 -13.18
N TYR B 123 -6.90 -3.36 -13.89
CA TYR B 123 -7.26 -3.75 -15.25
C TYR B 123 -6.03 -3.82 -16.14
N LEU B 124 -5.24 -2.74 -16.18
CA LEU B 124 -4.01 -2.78 -16.96
C LEU B 124 -2.99 -3.72 -16.33
N ARG B 125 -2.81 -3.63 -15.01
CA ARG B 125 -1.78 -4.44 -14.35
C ARG B 125 -1.93 -5.92 -14.66
N ALA B 126 -3.15 -6.36 -14.94
CA ALA B 126 -3.41 -7.76 -15.26
C ALA B 126 -3.38 -8.05 -16.75
N ARG B 127 -3.05 -7.06 -17.59
CA ARG B 127 -3.02 -7.22 -19.04
C ARG B 127 -1.70 -6.75 -19.61
N ARG B 128 -0.62 -7.01 -18.90
CA ARG B 128 0.71 -6.65 -19.33
C ARG B 128 1.40 -7.84 -19.98
N PRO B 129 2.41 -7.60 -20.81
CA PRO B 129 3.21 -8.72 -21.34
C PRO B 129 4.05 -9.34 -20.23
N PRO B 130 4.55 -10.57 -20.42
CA PRO B 130 5.31 -11.23 -19.35
C PRO B 130 6.76 -10.78 -19.30
N VAL B 141 -4.36 -14.25 -14.94
CA VAL B 141 -4.60 -12.89 -15.43
C VAL B 141 -5.08 -12.95 -16.88
N PRO B 142 -5.86 -11.96 -17.31
CA PRO B 142 -6.37 -11.98 -18.68
C PRO B 142 -5.24 -12.05 -19.70
N GLU B 143 -5.43 -12.93 -20.68
CA GLU B 143 -4.42 -13.19 -21.71
C GLU B 143 -4.59 -12.32 -22.93
N GLU B 144 -5.14 -11.11 -22.76
CA GLU B 144 -5.27 -10.13 -23.83
C GLU B 144 -4.41 -8.94 -23.43
N GLN B 145 -3.22 -8.86 -24.01
CA GLN B 145 -2.34 -7.73 -23.76
C GLN B 145 -3.00 -6.45 -24.22
N MET B 146 -2.65 -5.35 -23.57
CA MET B 146 -3.03 -4.05 -24.08
C MET B 146 -2.08 -3.66 -25.22
N THR B 147 -2.64 -3.03 -26.23
CA THR B 147 -1.86 -2.45 -27.31
C THR B 147 -1.70 -0.95 -27.06
N PHE B 148 -0.64 -0.37 -27.61
CA PHE B 148 -0.51 1.08 -27.53
C PHE B 148 -1.75 1.74 -28.11
N LYS B 149 -2.36 1.09 -29.10
CA LYS B 149 -3.71 1.45 -29.54
C LYS B 149 -4.65 1.57 -28.35
N ASP B 150 -4.71 0.53 -27.51
CA ASP B 150 -5.65 0.50 -26.40
C ASP B 150 -5.34 1.59 -25.39
N LEU B 151 -4.06 1.85 -25.13
CA LEU B 151 -3.69 2.90 -24.18
C LEU B 151 -4.11 4.27 -24.69
N VAL B 152 -3.87 4.54 -25.98
CA VAL B 152 -4.29 5.82 -26.54
C VAL B 152 -5.82 5.92 -26.48
N SER B 153 -6.52 4.81 -26.69
CA SER B 153 -7.98 4.84 -26.63
C SER B 153 -8.47 5.15 -25.22
N CYS B 154 -7.85 4.55 -24.21
CA CYS B 154 -8.23 4.85 -22.82
C CYS B 154 -7.98 6.32 -22.51
N THR B 155 -6.82 6.84 -22.90
CA THR B 155 -6.52 8.24 -22.64
C THR B 155 -7.52 9.15 -23.32
N TYR B 156 -7.86 8.86 -24.58
CA TYR B 156 -8.84 9.66 -25.31
C TYR B 156 -10.20 9.59 -24.64
N GLN B 157 -10.62 8.41 -24.20
CA GLN B 157 -11.90 8.26 -23.51
C GLN B 157 -11.94 9.09 -22.24
N LEU B 158 -10.87 9.02 -21.44
CA LEU B 158 -10.87 9.74 -20.17
C LEU B 158 -10.82 11.24 -20.39
N ALA B 159 -10.08 11.69 -21.40
CA ALA B 159 -10.09 13.11 -21.72
C ALA B 159 -11.47 13.56 -22.20
N ARG B 160 -12.15 12.70 -22.96
CA ARG B 160 -13.49 13.03 -23.43
C ARG B 160 -14.49 13.08 -22.28
N GLY B 161 -14.25 12.31 -21.23
CA GLY B 161 -15.10 12.40 -20.04
C GLY B 161 -14.79 13.63 -19.22
N MET B 162 -13.49 13.94 -19.08
CA MET B 162 -13.09 15.08 -18.27
C MET B 162 -13.51 16.39 -18.92
N GLU B 163 -13.52 16.48 -20.26
CA GLU B 163 -13.95 17.71 -20.90
C GLU B 163 -15.43 17.97 -20.62
N TYR B 164 -16.27 16.93 -20.62
CA TYR B 164 -17.66 17.11 -20.26
C TYR B 164 -17.79 17.50 -18.78
N LEU B 165 -17.12 16.78 -17.89
CA LEU B 165 -17.19 17.14 -16.48
C LEU B 165 -16.73 18.59 -16.25
N ALA B 166 -15.81 19.08 -17.09
CA ALA B 166 -15.38 20.47 -16.98
C ALA B 166 -16.44 21.41 -17.53
N SER B 167 -17.17 20.99 -18.57
CA SER B 167 -18.24 21.83 -19.09
C SER B 167 -19.23 22.21 -18.00
N GLN B 168 -19.56 21.25 -17.14
CA GLN B 168 -20.32 21.53 -15.93
C GLN B 168 -19.36 21.93 -14.82
N LYS B 169 -19.83 22.79 -13.92
CA LYS B 169 -18.98 23.28 -12.84
C LYS B 169 -18.66 22.12 -11.89
N CYS B 170 -17.94 21.12 -12.40
CA CYS B 170 -17.70 19.86 -11.71
C CYS B 170 -16.27 19.80 -11.21
N ILE B 171 -16.09 19.23 -10.01
CA ILE B 171 -14.78 19.15 -9.37
C ILE B 171 -14.43 17.69 -9.13
N HIS B 172 -13.19 17.33 -9.40
CA HIS B 172 -12.70 15.98 -9.15
C HIS B 172 -12.08 15.92 -7.76
N ARG B 173 -12.56 14.98 -6.95
CA ARG B 173 -12.13 14.92 -5.55
C ARG B 173 -10.82 14.17 -5.40
N ASP B 174 -10.66 13.03 -6.05
CA ASP B 174 -9.42 12.26 -5.98
C ASP B 174 -9.27 11.51 -7.31
N LEU B 175 -8.49 12.09 -8.21
CA LEU B 175 -8.29 11.53 -9.54
C LEU B 175 -7.08 10.61 -9.52
N ALA B 176 -7.32 9.31 -9.71
CA ALA B 176 -6.25 8.32 -9.70
C ALA B 176 -6.70 7.12 -10.53
N ALA B 177 -5.81 6.13 -10.64
CA ALA B 177 -6.15 4.95 -11.43
C ALA B 177 -7.24 4.11 -10.78
N ARG B 178 -7.28 4.07 -9.45
CA ARG B 178 -8.28 3.25 -8.77
C ARG B 178 -9.69 3.80 -9.00
N ASN B 179 -9.85 5.11 -8.93
CA ASN B 179 -11.16 5.74 -9.06
C ASN B 179 -11.60 5.87 -10.51
N VAL B 180 -10.97 5.14 -11.42
CA VAL B 180 -11.41 5.03 -12.81
C VAL B 180 -11.70 3.56 -13.06
N LEU B 181 -12.90 3.27 -13.56
CA LEU B 181 -13.38 1.90 -13.69
C LEU B 181 -13.50 1.50 -15.15
N VAL B 182 -13.55 0.18 -15.37
CA VAL B 182 -13.61 -0.41 -16.70
C VAL B 182 -14.77 -1.40 -16.70
N THR B 183 -15.71 -1.22 -17.63
CA THR B 183 -16.83 -2.13 -17.77
C THR B 183 -16.40 -3.35 -18.59
N GLU B 184 -17.32 -4.29 -18.77
CA GLU B 184 -17.01 -5.46 -19.60
C GLU B 184 -16.83 -5.08 -21.06
N ASN B 185 -17.34 -3.92 -21.47
CA ASN B 185 -17.16 -3.39 -22.81
C ASN B 185 -15.86 -2.61 -22.96
N ASN B 186 -14.99 -2.62 -21.93
CA ASN B 186 -13.71 -1.92 -21.98
C ASN B 186 -13.93 -0.42 -22.23
N VAL B 187 -14.84 0.17 -21.47
CA VAL B 187 -15.14 1.59 -21.54
C VAL B 187 -14.62 2.26 -20.26
N MET B 188 -13.77 3.26 -20.44
CA MET B 188 -13.24 4.00 -19.30
C MET B 188 -14.34 4.86 -18.69
N LYS B 189 -14.53 4.75 -17.38
CA LYS B 189 -15.56 5.51 -16.69
C LYS B 189 -14.97 6.20 -15.47
N ILE B 190 -15.30 7.48 -15.31
CA ILE B 190 -14.85 8.27 -14.17
C ILE B 190 -15.81 8.03 -13.01
N ALA B 191 -15.26 7.82 -11.81
CA ALA B 191 -16.08 7.53 -10.65
C ALA B 191 -15.81 8.49 -9.49
N ASP B 192 -15.32 9.71 -9.78
CA ASP B 192 -15.10 10.71 -8.75
C ASP B 192 -15.43 12.09 -9.30
N PHE B 193 -16.43 12.74 -8.73
CA PHE B 193 -16.70 14.13 -9.06
C PHE B 193 -17.80 14.64 -8.17
N GLY B 194 -17.67 15.90 -7.74
CA GLY B 194 -18.66 16.57 -6.91
C GLY B 194 -19.21 17.81 -7.58
N LEU B 195 -19.44 18.88 -6.80
CA LEU B 195 -19.91 20.15 -7.35
C LEU B 195 -19.25 21.30 -6.60
N ALA B 196 -19.39 22.49 -7.17
CA ALA B 196 -18.77 23.70 -6.62
C ALA B 196 -18.98 23.81 -5.12
N LEU B 213 -3.97 11.97 1.95
CA LEU B 213 -4.04 12.79 0.75
C LEU B 213 -3.34 12.10 -0.43
N PRO B 214 -3.91 12.23 -1.63
CA PRO B 214 -3.24 11.63 -2.82
C PRO B 214 -2.16 12.57 -3.33
N VAL B 215 -1.12 12.73 -2.52
CA VAL B 215 -0.13 13.78 -2.75
C VAL B 215 0.49 13.64 -4.14
N LYS B 216 0.83 12.41 -4.54
CA LYS B 216 1.48 12.21 -5.84
C LYS B 216 0.61 12.64 -7.01
N TRP B 217 -0.68 12.90 -6.79
CA TRP B 217 -1.58 13.34 -7.85
C TRP B 217 -1.96 14.81 -7.77
N MET B 218 -1.79 15.45 -6.62
CA MET B 218 -2.14 16.86 -6.47
C MET B 218 -1.09 17.74 -7.15
N ALA B 219 -1.56 18.86 -7.70
CA ALA B 219 -0.66 19.79 -8.36
C ALA B 219 0.13 20.60 -7.33
N PRO B 220 1.25 21.18 -7.74
CA PRO B 220 2.05 21.96 -6.77
C PRO B 220 1.30 23.11 -6.15
N GLU B 221 0.42 23.78 -6.91
CA GLU B 221 -0.34 24.88 -6.34
C GLU B 221 -1.35 24.39 -5.32
N ALA B 222 -1.95 23.22 -5.57
CA ALA B 222 -2.86 22.62 -4.60
C ALA B 222 -2.12 22.03 -3.41
N LEU B 223 -0.85 21.68 -3.60
CA LEU B 223 -0.03 21.10 -2.55
C LEU B 223 0.63 22.18 -1.69
N PHE B 224 1.22 23.19 -2.33
CA PHE B 224 1.95 24.25 -1.64
C PHE B 224 1.08 25.48 -1.41
N ASP B 225 0.43 25.99 -2.45
CA ASP B 225 -0.39 27.19 -2.32
C ASP B 225 -1.81 26.90 -1.84
N ARG B 226 -2.20 25.63 -1.81
CA ARG B 226 -3.52 25.23 -1.33
C ARG B 226 -4.64 25.91 -2.13
N VAL B 227 -4.46 25.97 -3.45
CA VAL B 227 -5.45 26.54 -4.34
C VAL B 227 -5.84 25.47 -5.36
N TYR B 228 -7.13 25.37 -5.65
CA TYR B 228 -7.67 24.36 -6.55
C TYR B 228 -8.28 25.03 -7.76
N THR B 229 -7.84 24.62 -8.96
CA THR B 229 -8.39 25.11 -10.21
C THR B 229 -8.48 23.94 -11.18
N HIS B 230 -9.04 24.19 -12.36
CA HIS B 230 -9.08 23.15 -13.39
C HIS B 230 -7.68 22.75 -13.81
N GLN B 231 -6.71 23.65 -13.70
CA GLN B 231 -5.34 23.34 -14.09
C GLN B 231 -4.76 22.24 -13.20
N SER B 232 -5.12 22.25 -11.91
CA SER B 232 -4.72 21.14 -11.05
C SER B 232 -5.34 19.84 -11.54
N ASP B 233 -6.56 19.90 -12.07
CA ASP B 233 -7.16 18.71 -12.68
C ASP B 233 -6.37 18.27 -13.90
N VAL B 234 -5.82 19.22 -14.66
CA VAL B 234 -4.99 18.85 -15.81
C VAL B 234 -3.71 18.16 -15.33
N TRP B 235 -3.12 18.65 -14.24
CA TRP B 235 -1.95 17.99 -13.67
C TRP B 235 -2.27 16.57 -13.23
N SER B 236 -3.40 16.40 -12.54
CA SER B 236 -3.81 15.07 -12.11
C SER B 236 -4.06 14.17 -13.32
N PHE B 237 -4.61 14.73 -14.40
CA PHE B 237 -4.80 13.95 -15.62
C PHE B 237 -3.47 13.56 -16.25
N GLY B 238 -2.45 14.41 -16.11
CA GLY B 238 -1.12 14.02 -16.56
C GLY B 238 -0.55 12.86 -15.77
N VAL B 239 -0.73 12.89 -14.44
CA VAL B 239 -0.27 11.77 -13.62
C VAL B 239 -1.06 10.51 -13.97
N LEU B 240 -2.36 10.66 -14.25
CA LEU B 240 -3.16 9.54 -14.69
C LEU B 240 -2.65 8.97 -16.00
N MET B 241 -2.33 9.84 -16.96
CA MET B 241 -1.69 9.39 -18.19
C MET B 241 -0.45 8.58 -17.91
N TRP B 242 0.39 9.09 -16.99
CA TRP B 242 1.62 8.38 -16.66
C TRP B 242 1.32 6.97 -16.16
N GLU B 243 0.43 6.85 -15.18
CA GLU B 243 0.16 5.52 -14.64
C GLU B 243 -0.63 4.65 -15.63
N ILE B 244 -1.22 5.24 -16.67
CA ILE B 244 -1.83 4.44 -17.72
C ILE B 244 -0.76 3.85 -18.63
N PHE B 245 0.14 4.70 -19.15
CA PHE B 245 1.11 4.24 -20.13
C PHE B 245 2.18 3.37 -19.52
N THR B 246 2.33 3.38 -18.20
CA THR B 246 3.17 2.42 -17.52
C THR B 246 2.39 1.17 -17.08
N LEU B 247 1.12 1.08 -17.45
CA LEU B 247 0.27 -0.07 -17.16
C LEU B 247 0.18 -0.31 -15.65
N GLY B 248 -0.36 0.68 -14.96
CA GLY B 248 -0.58 0.58 -13.54
C GLY B 248 0.70 0.63 -12.72
N GLY B 249 1.41 1.76 -12.80
CA GLY B 249 2.62 1.96 -12.03
C GLY B 249 2.44 3.06 -11.00
N SER B 250 3.13 2.92 -9.88
CA SER B 250 3.03 3.92 -8.82
C SER B 250 3.80 5.18 -9.22
N PRO B 251 3.17 6.35 -9.23
CA PRO B 251 3.92 7.57 -9.59
C PRO B 251 5.11 7.79 -8.66
N TYR B 252 6.16 8.38 -9.22
CA TYR B 252 7.37 8.70 -8.49
C TYR B 252 7.93 7.47 -7.76
N PRO B 253 8.14 6.36 -8.48
CA PRO B 253 8.60 5.13 -7.81
C PRO B 253 9.95 5.33 -7.14
N GLY B 254 10.07 4.79 -5.93
CA GLY B 254 11.28 4.94 -5.16
C GLY B 254 11.44 6.27 -4.47
N ILE B 255 10.52 7.20 -4.67
CA ILE B 255 10.58 8.52 -4.05
C ILE B 255 9.55 8.55 -2.91
N PRO B 256 9.98 8.73 -1.66
CA PRO B 256 9.00 8.99 -0.60
C PRO B 256 8.47 10.42 -0.67
N VAL B 257 7.28 10.60 -0.10
CA VAL B 257 6.61 11.90 -0.17
C VAL B 257 7.45 12.97 0.50
N GLU B 258 8.09 12.63 1.62
CA GLU B 258 8.85 13.61 2.39
C GLU B 258 9.90 14.30 1.52
N GLU B 259 10.59 13.53 0.67
CA GLU B 259 11.52 14.11 -0.29
C GLU B 259 10.83 14.53 -1.58
N LEU B 260 9.65 13.99 -1.87
CA LEU B 260 8.93 14.36 -3.09
C LEU B 260 8.56 15.83 -3.08
N PHE B 261 8.16 16.35 -1.91
CA PHE B 261 7.81 17.76 -1.83
C PHE B 261 8.95 18.64 -2.36
N LYS B 262 10.12 18.50 -1.74
CA LYS B 262 11.26 19.34 -2.11
C LYS B 262 11.77 19.01 -3.50
N LEU B 263 11.60 17.77 -3.96
CA LEU B 263 12.00 17.45 -5.32
C LEU B 263 11.12 18.16 -6.33
N LEU B 264 9.81 18.22 -6.08
CA LEU B 264 8.93 18.99 -6.94
C LEU B 264 9.33 20.45 -6.94
N LYS B 265 9.62 21.01 -5.76
CA LYS B 265 10.07 22.40 -5.72
C LYS B 265 11.36 22.62 -6.50
N GLU B 266 12.16 21.56 -6.70
CA GLU B 266 13.35 21.67 -7.54
C GLU B 266 13.04 21.64 -9.03
N GLY B 267 11.81 21.28 -9.41
CA GLY B 267 11.46 21.14 -10.81
C GLY B 267 11.53 19.74 -11.34
N HIS B 268 11.43 18.73 -10.48
CA HIS B 268 11.58 17.34 -10.89
C HIS B 268 10.25 16.80 -11.40
N ARG B 269 10.24 16.32 -12.63
CA ARG B 269 9.08 15.68 -13.23
C ARG B 269 9.41 14.22 -13.54
N MET B 270 8.36 13.41 -13.64
CA MET B 270 8.55 11.98 -13.83
C MET B 270 9.10 11.68 -15.21
N ASP B 271 9.87 10.59 -15.31
CA ASP B 271 10.52 10.23 -16.55
C ASP B 271 9.52 9.63 -17.53
N LYS B 272 9.96 9.50 -18.78
CA LYS B 272 9.08 9.01 -19.83
C LYS B 272 8.83 7.50 -19.67
N PRO B 273 7.60 7.04 -19.82
CA PRO B 273 7.35 5.60 -19.82
C PRO B 273 7.96 4.92 -21.02
N ALA B 274 8.23 3.63 -20.87
CA ALA B 274 8.75 2.84 -21.98
C ALA B 274 7.75 2.80 -23.13
N ASN B 275 6.48 2.49 -22.82
CA ASN B 275 5.45 2.36 -23.84
C ASN B 275 4.94 3.70 -24.35
N CYS B 276 5.47 4.81 -23.84
CA CYS B 276 5.03 6.14 -24.25
C CYS B 276 5.90 6.65 -25.40
N THR B 277 5.36 7.62 -26.13
CA THR B 277 6.07 8.24 -27.24
C THR B 277 6.55 9.63 -26.82
N ASN B 278 7.55 10.13 -27.56
CA ASN B 278 8.07 11.47 -27.27
C ASN B 278 6.95 12.51 -27.33
N GLU B 279 6.02 12.36 -28.27
CA GLU B 279 4.92 13.32 -28.38
C GLU B 279 3.99 13.21 -27.20
N LEU B 280 3.60 11.99 -26.83
CA LEU B 280 2.70 11.81 -25.69
C LEU B 280 3.40 12.12 -24.37
N TYR B 281 4.70 11.88 -24.29
CA TYR B 281 5.43 12.30 -23.09
C TYR B 281 5.49 13.82 -22.99
N MET B 282 5.69 14.50 -24.12
CA MET B 282 5.62 15.96 -24.12
C MET B 282 4.23 16.43 -23.72
N MET B 283 3.19 15.69 -24.12
CA MET B 283 1.84 16.02 -23.66
C MET B 283 1.74 15.91 -22.14
N MET B 284 2.19 14.78 -21.58
CA MET B 284 2.17 14.61 -20.13
C MET B 284 2.94 15.73 -19.43
N ARG B 285 4.07 16.13 -20.02
CA ARG B 285 4.89 17.17 -19.40
C ARG B 285 4.25 18.55 -19.55
N ASP B 286 3.43 18.74 -20.58
CA ASP B 286 2.64 19.96 -20.70
C ASP B 286 1.53 19.99 -19.66
N CYS B 287 0.88 18.85 -19.42
CA CYS B 287 -0.05 18.75 -18.30
C CYS B 287 0.63 19.08 -16.98
N TRP B 288 1.94 18.83 -16.90
CA TRP B 288 2.74 19.13 -15.72
C TRP B 288 3.50 20.44 -15.84
N HIS B 289 2.97 21.39 -16.62
CA HIS B 289 3.63 22.67 -16.77
C HIS B 289 3.70 23.40 -15.42
N ALA B 290 4.87 23.95 -15.11
CA ALA B 290 5.04 24.64 -13.84
C ALA B 290 4.06 25.79 -13.69
N VAL B 291 3.65 26.41 -14.79
CA VAL B 291 2.71 27.52 -14.78
C VAL B 291 1.34 26.94 -15.13
N PRO B 292 0.38 26.91 -14.19
CA PRO B 292 -0.93 26.36 -14.53
C PRO B 292 -1.59 27.01 -15.74
N SER B 293 -1.48 28.34 -15.88
CA SER B 293 -2.14 29.02 -16.98
C SER B 293 -1.68 28.50 -18.33
N GLN B 294 -0.47 27.96 -18.40
CA GLN B 294 0.09 27.46 -19.65
C GLN B 294 -0.20 25.99 -19.88
N ARG B 295 -0.89 25.32 -18.95
CA ARG B 295 -1.26 23.94 -19.17
C ARG B 295 -2.37 23.85 -20.22
N PRO B 296 -2.44 22.74 -20.95
CA PRO B 296 -3.47 22.63 -21.99
C PRO B 296 -4.83 22.31 -21.41
N THR B 297 -5.86 22.92 -21.99
CA THR B 297 -7.22 22.63 -21.58
C THR B 297 -7.61 21.22 -22.03
N PHE B 298 -8.65 20.69 -21.38
CA PHE B 298 -9.07 19.32 -21.68
C PHE B 298 -9.54 19.19 -23.12
N LYS B 299 -10.05 20.27 -23.71
CA LYS B 299 -10.50 20.21 -25.10
C LYS B 299 -9.32 20.07 -26.05
N GLN B 300 -8.24 20.81 -25.78
CA GLN B 300 -7.01 20.61 -26.53
C GLN B 300 -6.52 19.17 -26.41
N LEU B 301 -6.66 18.59 -25.21
CA LEU B 301 -6.21 17.22 -24.99
C LEU B 301 -7.03 16.24 -25.82
N VAL B 302 -8.36 16.40 -25.82
CA VAL B 302 -9.18 15.48 -26.60
C VAL B 302 -8.88 15.62 -28.08
N GLU B 303 -8.65 16.86 -28.54
CA GLU B 303 -8.30 17.06 -29.95
C GLU B 303 -7.00 16.36 -30.30
N ASP B 304 -5.94 16.59 -29.52
CA ASP B 304 -4.66 15.97 -29.82
C ASP B 304 -4.77 14.46 -29.78
N LEU B 305 -5.45 13.91 -28.77
CA LEU B 305 -5.57 12.45 -28.66
C LEU B 305 -6.38 11.88 -29.82
N ASP B 306 -7.39 12.62 -30.29
CA ASP B 306 -8.09 12.20 -31.48
C ASP B 306 -7.16 12.18 -32.69
N ARG B 307 -6.29 13.18 -32.79
CA ARG B 307 -5.34 13.21 -33.90
C ARG B 307 -4.42 12.00 -33.88
N ILE B 308 -3.87 11.67 -32.70
CA ILE B 308 -2.95 10.53 -32.64
C ILE B 308 -3.70 9.22 -32.86
N LEU B 309 -4.91 9.12 -32.31
CA LEU B 309 -5.65 7.86 -32.39
C LEU B 309 -6.02 7.52 -33.83
N THR B 310 -6.34 8.52 -34.63
CA THR B 310 -6.67 8.28 -36.04
C THR B 310 -5.52 7.63 -36.79
N LEU B 311 -4.30 7.73 -36.28
CA LEU B 311 -3.16 7.14 -36.96
C LEU B 311 -3.21 5.63 -36.86
N THR B 312 -2.78 4.96 -37.94
CA THR B 312 -2.82 3.49 -38.05
C THR B 312 -4.26 2.97 -37.98
N THR B 313 -5.23 3.79 -38.37
CA THR B 313 -6.63 3.39 -38.35
C THR B 313 -7.41 4.16 -39.41
#